data_5BP8
#
_entry.id   5BP8
#
_cell.length_a   132.870
_cell.length_b   132.870
_cell.length_c   190.748
_cell.angle_alpha   90.000
_cell.angle_beta   90.000
_cell.angle_gamma   120.000
#
_symmetry.space_group_name_H-M   'H 3 2'
#
loop_
_entity.id
_entity.type
_entity.pdbx_description
1 polymer 'Ent-copalyl diphosphate synthase'
2 non-polymer 'SULFATE ION'
3 non-polymer 1,2-ETHANEDIOL
4 water water
#
_entity_poly.entity_id   1
_entity_poly.type   'polypeptide(L)'
_entity_poly.pdbx_seq_one_letter_code
;SNATPAPREAEAAALLAATVADPWGLVAPSVYDTARLVSLAPWLDGHRERLGYLAKEQNQDGSWGAPDGYGLVPTLSAVE
ALLTELARTDSGAPHLSPDDLAAACADGLGALRDGLLAGPVPDTIGVEFVAPSLLADINTRLAALTEQAPGKLGAWSGTT
LTSPAPDLDGALLAGVRE(MSE)TEQAPLPEKLWHTLEAVTRDGTRGARPHEGAPPHNGSVGCSPAATAAWLGAAPDPAA
PGVAYLRDVQARFGGPVPSITPIVYFEQAWVLNSLAASGLRYEAPAALLDSLEAGLTDEGIAAAPGLPSDSDDTAAVLFA
LAQHGRTHRPDSL(MSE)HFRRDGYFSCFGVERTPSTSTNAHILEALGHHVTVRPDDAGRYGAEIR(MSE)ISDWLLDNQ
LPDGSW(MSE)DKWHASPYYATACCALALAEFGGPSARAAVDRAAAWALATQRADGSWGRWQGTTEETAY(MSE)VQLL
(MSE)RTRTPGSPGTVARSAARGCDALLAHDDPASYPGLWHDKDIYAPVTVIRAARLAALALGGAASA
;
_entity_poly.pdbx_strand_id   A
#
# COMPACT_ATOMS: atom_id res chain seq x y z
N ALA A 6 12.31 -6.15 29.24
CA ALA A 6 12.52 -7.40 28.44
C ALA A 6 11.25 -8.21 28.04
N PRO A 7 10.03 -7.81 28.47
CA PRO A 7 8.93 -8.55 27.83
C PRO A 7 8.88 -8.19 26.33
N ARG A 8 9.25 -6.94 26.04
CA ARG A 8 9.23 -6.45 24.69
C ARG A 8 10.48 -6.87 23.93
N GLU A 9 11.56 -7.25 24.63
CA GLU A 9 12.68 -7.93 23.95
C GLU A 9 12.23 -9.25 23.33
N ALA A 10 11.45 -9.99 24.09
CA ALA A 10 10.89 -11.26 23.62
C ALA A 10 9.97 -11.02 22.43
N GLU A 11 9.14 -9.99 22.54
CA GLU A 11 8.28 -9.59 21.44
C GLU A 11 9.07 -9.25 20.19
N ALA A 12 10.16 -8.50 20.34
CA ALA A 12 11.02 -8.17 19.21
C ALA A 12 11.58 -9.42 18.53
N ALA A 13 12.04 -10.37 19.34
CA ALA A 13 12.58 -11.60 18.80
C ALA A 13 11.51 -12.43 18.07
N ALA A 14 10.30 -12.44 18.62
CA ALA A 14 9.19 -13.18 18.00
C ALA A 14 8.79 -12.53 16.68
N LEU A 15 8.77 -11.20 16.64
CA LEU A 15 8.43 -10.48 15.40
C LEU A 15 9.48 -10.75 14.31
N LEU A 16 10.76 -10.71 14.69
CA LEU A 16 11.82 -10.99 13.72
C LEU A 16 11.71 -12.40 13.19
N ALA A 17 11.44 -13.35 14.06
CA ALA A 17 11.34 -14.73 13.68
C ALA A 17 10.15 -14.97 12.74
N ALA A 18 9.03 -14.33 13.05
CA ALA A 18 7.84 -14.50 12.23
C ALA A 18 8.07 -13.90 10.84
N THR A 19 8.77 -12.78 10.78
CA THR A 19 9.12 -12.16 9.54
C THR A 19 10.04 -13.05 8.70
N VAL A 20 11.05 -13.65 9.34
CA VAL A 20 11.89 -14.60 8.65
C VAL A 20 11.07 -15.73 8.03
N ALA A 21 10.08 -16.21 8.77
CA ALA A 21 9.33 -17.38 8.34
C ALA A 21 8.29 -17.03 7.26
N ASP A 22 8.18 -15.74 6.92
CA ASP A 22 7.19 -15.29 5.92
C ASP A 22 7.91 -14.65 4.72
N PRO A 23 8.18 -15.46 3.69
CA PRO A 23 8.87 -14.94 2.52
C PRO A 23 7.98 -14.08 1.61
N TRP A 24 6.70 -13.99 1.93
CA TRP A 24 5.79 -13.13 1.15
C TRP A 24 5.68 -11.72 1.74
N GLY A 25 5.76 -11.61 3.06
CA GLY A 25 5.29 -10.44 3.76
C GLY A 25 3.77 -10.52 3.89
N LEU A 26 3.21 -9.78 4.82
CA LEU A 26 1.77 -9.86 5.08
C LEU A 26 1.05 -8.56 4.70
N VAL A 27 0.18 -8.69 3.70
CA VAL A 27 -0.74 -7.64 3.29
C VAL A 27 -2.13 -8.18 3.38
N ALA A 28 -3.01 -7.50 4.12
CA ALA A 28 -4.39 -7.99 4.30
C ALA A 28 -5.16 -7.89 3.00
N PRO A 29 -6.15 -8.76 2.80
CA PRO A 29 -6.98 -8.59 1.60
C PRO A 29 -7.69 -7.26 1.57
N SER A 30 -8.02 -6.82 0.36
CA SER A 30 -8.94 -5.73 0.21
C SER A 30 -9.88 -5.99 -0.93
N VAL A 31 -10.83 -5.08 -1.11
CA VAL A 31 -11.90 -5.27 -2.07
C VAL A 31 -11.40 -5.25 -3.51
N TYR A 32 -10.49 -4.34 -3.85
CA TYR A 32 -10.17 -4.15 -5.29
C TYR A 32 -9.77 -5.45 -6.02
N ASP A 33 -8.72 -6.14 -5.53
CA ASP A 33 -8.24 -7.31 -6.26
C ASP A 33 -9.17 -8.49 -6.04
N THR A 34 -9.83 -8.57 -4.89
CA THR A 34 -10.77 -9.64 -4.67
C THR A 34 -11.85 -9.61 -5.75
N ALA A 35 -12.37 -8.41 -6.02
CA ALA A 35 -13.33 -8.21 -7.09
C ALA A 35 -12.72 -8.50 -8.49
N ARG A 36 -11.48 -8.04 -8.72
CA ARG A 36 -10.83 -8.34 -9.98
C ARG A 36 -10.77 -9.86 -10.23
N LEU A 37 -10.46 -10.66 -9.19
CA LEU A 37 -10.41 -12.10 -9.39
C LEU A 37 -11.76 -12.70 -9.68
N VAL A 38 -12.81 -12.18 -9.03
CA VAL A 38 -14.17 -12.60 -9.35
C VAL A 38 -14.47 -12.35 -10.82
N SER A 39 -14.07 -11.18 -11.31
CA SER A 39 -14.38 -10.83 -12.69
C SER A 39 -13.52 -11.60 -13.70
N LEU A 40 -12.23 -11.71 -13.41
CA LEU A 40 -11.25 -12.23 -14.38
C LEU A 40 -10.88 -13.70 -14.23
N ALA A 41 -11.08 -14.27 -13.04
CA ALA A 41 -10.60 -15.62 -12.74
C ALA A 41 -11.63 -16.47 -11.99
N PRO A 42 -12.81 -16.67 -12.58
CA PRO A 42 -13.85 -17.47 -11.93
C PRO A 42 -13.43 -18.94 -11.81
N TRP A 43 -12.43 -19.35 -12.58
CA TRP A 43 -11.85 -20.73 -12.51
C TRP A 43 -11.09 -21.01 -11.20
N LEU A 44 -10.66 -19.95 -10.53
CA LEU A 44 -9.80 -20.06 -9.38
C LEU A 44 -10.55 -20.45 -8.11
N ASP A 45 -9.94 -21.35 -7.34
CA ASP A 45 -10.47 -21.79 -6.05
CA ASP A 45 -10.47 -21.78 -6.05
C ASP A 45 -10.79 -20.58 -5.17
N GLY A 46 -11.86 -20.67 -4.38
CA GLY A 46 -12.22 -19.58 -3.45
C GLY A 46 -13.13 -18.54 -4.09
N HIS A 47 -13.70 -18.85 -5.25
CA HIS A 47 -14.53 -17.88 -5.99
C HIS A 47 -15.77 -17.51 -5.19
N ARG A 48 -16.47 -18.50 -4.66
CA ARG A 48 -17.64 -18.22 -3.83
C ARG A 48 -17.28 -17.43 -2.57
N GLU A 49 -16.15 -17.75 -1.98
CA GLU A 49 -15.69 -17.01 -0.81
CA GLU A 49 -15.69 -17.01 -0.80
C GLU A 49 -15.45 -15.54 -1.14
N ARG A 50 -14.95 -15.28 -2.35
CA ARG A 50 -14.67 -13.90 -2.78
C ARG A 50 -15.97 -13.15 -3.01
N LEU A 51 -16.96 -13.81 -3.59
CA LEU A 51 -18.28 -13.20 -3.71
C LEU A 51 -18.86 -12.87 -2.35
N GLY A 52 -18.68 -13.80 -1.39
CA GLY A 52 -19.12 -13.59 -0.02
C GLY A 52 -18.46 -12.39 0.61
N TYR A 53 -17.17 -12.25 0.37
CA TYR A 53 -16.41 -11.12 0.91
C TYR A 53 -16.93 -9.82 0.38
N LEU A 54 -17.19 -9.77 -0.92
CA LEU A 54 -17.76 -8.57 -1.52
C LEU A 54 -19.10 -8.23 -0.87
N ALA A 55 -19.98 -9.21 -0.71
CA ALA A 55 -21.27 -8.96 -0.06
C ALA A 55 -21.11 -8.46 1.38
N LYS A 56 -20.23 -9.08 2.15
CA LYS A 56 -19.96 -8.70 3.56
C LYS A 56 -19.37 -7.31 3.67
N GLU A 57 -18.47 -6.96 2.76
CA GLU A 57 -17.68 -5.73 2.93
C GLU A 57 -18.38 -4.46 2.44
N GLN A 58 -19.49 -4.61 1.73
CA GLN A 58 -20.23 -3.44 1.24
C GLN A 58 -20.69 -2.54 2.40
N ASN A 59 -20.46 -1.24 2.25
CA ASN A 59 -20.93 -0.23 3.20
C ASN A 59 -22.43 -0.06 3.08
N GLN A 60 -23.04 0.48 4.12
CA GLN A 60 -24.50 0.67 4.11
C GLN A 60 -24.98 1.75 3.15
N ASP A 61 -24.08 2.62 2.67
CA ASP A 61 -24.42 3.55 1.60
C ASP A 61 -24.27 2.97 0.17
N GLY A 62 -24.01 1.67 0.05
CA GLY A 62 -23.87 1.04 -1.26
C GLY A 62 -22.45 0.97 -1.81
N SER A 63 -21.57 1.83 -1.30
CA SER A 63 -20.18 1.81 -1.69
C SER A 63 -19.40 0.71 -1.01
N TRP A 64 -18.18 0.50 -1.48
CA TRP A 64 -17.15 -0.18 -0.75
C TRP A 64 -16.02 0.78 -0.43
N GLY A 65 -15.22 0.44 0.56
CA GLY A 65 -14.02 1.24 0.87
C GLY A 65 -14.20 2.43 1.79
N ALA A 66 -13.15 3.22 1.83
CA ALA A 66 -13.02 4.30 2.79
C ALA A 66 -13.68 5.62 2.30
N PRO A 67 -13.71 6.65 3.16
CA PRO A 67 -14.31 7.93 2.77
C PRO A 67 -13.48 8.76 1.80
N ASP A 68 -14.00 9.95 1.50
CA ASP A 68 -13.24 11.00 0.79
C ASP A 68 -12.83 10.62 -0.64
N GLY A 69 -13.61 9.72 -1.23
CA GLY A 69 -13.36 9.30 -2.59
C GLY A 69 -12.54 8.03 -2.68
N TYR A 70 -12.07 7.49 -1.55
CA TYR A 70 -11.31 6.27 -1.58
C TYR A 70 -12.29 5.11 -1.91
N GLY A 71 -13.60 5.40 -1.89
CA GLY A 71 -14.59 4.37 -2.31
C GLY A 71 -14.72 4.20 -3.80
N LEU A 72 -14.23 5.15 -4.59
CA LEU A 72 -14.53 5.13 -6.04
C LEU A 72 -13.91 3.90 -6.72
N VAL A 73 -12.60 3.73 -6.57
CA VAL A 73 -11.96 2.57 -7.22
C VAL A 73 -12.50 1.19 -6.76
N PRO A 74 -12.56 0.96 -5.43
CA PRO A 74 -13.08 -0.36 -5.08
C PRO A 74 -14.56 -0.59 -5.41
N THR A 75 -15.38 0.46 -5.41
CA THR A 75 -16.80 0.32 -5.79
C THR A 75 -16.90 0.00 -7.27
N LEU A 76 -16.12 0.70 -8.08
CA LEU A 76 -16.02 0.35 -9.51
C LEU A 76 -15.64 -1.12 -9.70
N SER A 77 -14.61 -1.59 -8.98
CA SER A 77 -14.16 -2.96 -9.13
C SER A 77 -15.24 -3.97 -8.72
N ALA A 78 -15.88 -3.73 -7.57
CA ALA A 78 -16.93 -4.61 -7.07
C ALA A 78 -18.15 -4.66 -7.99
N VAL A 79 -18.60 -3.48 -8.41
CA VAL A 79 -19.76 -3.42 -9.29
C VAL A 79 -19.49 -4.12 -10.63
N GLU A 80 -18.33 -3.86 -11.22
CA GLU A 80 -17.98 -4.52 -12.46
C GLU A 80 -17.95 -6.05 -12.28
N ALA A 81 -17.35 -6.51 -11.17
CA ALA A 81 -17.26 -7.95 -10.90
C ALA A 81 -18.64 -8.56 -10.73
N LEU A 82 -19.52 -7.87 -10.01
CA LEU A 82 -20.87 -8.40 -9.81
C LEU A 82 -21.66 -8.46 -11.10
N LEU A 83 -21.54 -7.44 -11.96
CA LEU A 83 -22.23 -7.48 -13.26
C LEU A 83 -21.69 -8.63 -14.11
N THR A 84 -20.37 -8.78 -14.13
CA THR A 84 -19.75 -9.87 -14.85
C THR A 84 -20.23 -11.24 -14.34
N GLU A 85 -20.25 -11.43 -13.03
CA GLU A 85 -20.74 -12.69 -12.43
C GLU A 85 -22.19 -12.97 -12.77
N LEU A 86 -23.04 -11.95 -12.64
CA LEU A 86 -24.47 -12.09 -12.92
C LEU A 86 -24.73 -12.46 -14.37
N ALA A 87 -23.85 -12.05 -15.27
CA ALA A 87 -24.00 -12.40 -16.70
C ALA A 87 -23.49 -13.79 -17.07
N ARG A 88 -22.82 -14.50 -16.16
CA ARG A 88 -22.18 -15.77 -16.53
C ARG A 88 -22.93 -16.95 -15.90
N THR A 89 -22.58 -18.19 -16.31
CA THR A 89 -23.03 -19.39 -15.59
C THR A 89 -22.21 -19.59 -14.30
N ASP A 90 -22.74 -20.36 -13.36
CA ASP A 90 -22.11 -20.54 -12.03
C ASP A 90 -20.82 -21.40 -12.05
N SER A 91 -19.84 -20.98 -11.24
CA SER A 91 -18.60 -21.75 -11.06
CA SER A 91 -18.58 -21.73 -11.01
C SER A 91 -18.83 -22.99 -10.21
N GLY A 92 -19.83 -22.94 -9.34
CA GLY A 92 -20.21 -24.06 -8.48
C GLY A 92 -21.55 -23.72 -7.84
N ALA A 93 -22.05 -24.61 -6.99
CA ALA A 93 -23.32 -24.39 -6.29
C ALA A 93 -23.26 -23.06 -5.49
N PRO A 94 -24.12 -22.07 -5.85
CA PRO A 94 -24.00 -20.77 -5.20
C PRO A 94 -24.50 -20.78 -3.75
N HIS A 95 -23.84 -20.00 -2.89
CA HIS A 95 -24.38 -19.70 -1.57
C HIS A 95 -25.18 -18.39 -1.64
N LEU A 96 -24.87 -17.54 -2.62
CA LEU A 96 -25.56 -16.25 -2.80
C LEU A 96 -26.32 -16.35 -4.09
N SER A 97 -27.62 -16.03 -4.02
CA SER A 97 -28.50 -16.14 -5.17
C SER A 97 -28.24 -14.98 -6.12
N PRO A 98 -28.70 -15.12 -7.36
CA PRO A 98 -28.69 -13.98 -8.28
C PRO A 98 -29.35 -12.73 -7.65
N ASP A 99 -30.46 -12.90 -6.92
CA ASP A 99 -31.09 -11.77 -6.22
C ASP A 99 -30.18 -11.13 -5.16
N ASP A 100 -29.47 -11.93 -4.36
CA ASP A 100 -28.51 -11.38 -3.40
C ASP A 100 -27.41 -10.55 -4.10
N LEU A 101 -26.85 -11.10 -5.16
CA LEU A 101 -25.81 -10.38 -5.89
C LEU A 101 -26.32 -9.14 -6.57
N ALA A 102 -27.53 -9.25 -7.14
CA ALA A 102 -28.16 -8.14 -7.82
C ALA A 102 -28.45 -6.95 -6.89
N ALA A 103 -28.83 -7.25 -5.63
CA ALA A 103 -29.13 -6.23 -4.67
C ALA A 103 -27.87 -5.44 -4.37
N ALA A 104 -26.79 -6.17 -4.09
CA ALA A 104 -25.49 -5.54 -3.86
C ALA A 104 -25.05 -4.71 -5.05
N CYS A 105 -25.19 -5.28 -6.23
CA CYS A 105 -24.79 -4.61 -7.44
C CYS A 105 -25.55 -3.30 -7.67
N ALA A 106 -26.88 -3.37 -7.56
CA ALA A 106 -27.72 -2.19 -7.77
C ALA A 106 -27.41 -1.09 -6.77
N ASP A 107 -27.16 -1.49 -5.52
CA ASP A 107 -26.81 -0.48 -4.51
C ASP A 107 -25.43 0.14 -4.76
N GLY A 108 -24.49 -0.64 -5.29
CA GLY A 108 -23.21 -0.14 -5.76
C GLY A 108 -23.32 0.85 -6.91
N LEU A 109 -24.19 0.52 -7.86
CA LEU A 109 -24.51 1.44 -8.97
C LEU A 109 -25.09 2.75 -8.47
N GLY A 110 -25.99 2.66 -7.49
CA GLY A 110 -26.53 3.82 -6.84
C GLY A 110 -25.45 4.68 -6.20
N ALA A 111 -24.56 4.06 -5.44
CA ALA A 111 -23.46 4.79 -4.81
C ALA A 111 -22.55 5.49 -5.83
N LEU A 112 -22.26 4.83 -6.94
CA LEU A 112 -21.48 5.44 -8.02
C LEU A 112 -22.19 6.68 -8.61
N ARG A 113 -23.45 6.49 -8.96
CA ARG A 113 -24.24 7.56 -9.58
C ARG A 113 -24.55 8.70 -8.64
N ASP A 114 -24.77 8.40 -7.35
CA ASP A 114 -25.24 9.38 -6.38
C ASP A 114 -24.14 10.20 -5.73
N GLY A 115 -22.87 9.82 -5.91
CA GLY A 115 -21.82 10.63 -5.30
C GLY A 115 -20.40 10.29 -5.67
N LEU A 116 -20.09 9.02 -5.86
CA LEU A 116 -18.70 8.64 -6.04
C LEU A 116 -18.15 9.16 -7.36
N LEU A 117 -18.92 9.08 -8.44
CA LEU A 117 -18.40 9.44 -9.76
C LEU A 117 -18.14 10.94 -9.88
N ALA A 118 -18.84 11.71 -9.08
CA ALA A 118 -18.75 13.16 -9.07
C ALA A 118 -17.94 13.72 -7.93
N GLY A 119 -17.46 12.84 -7.03
CA GLY A 119 -16.78 13.28 -5.79
C GLY A 119 -15.29 13.35 -6.01
N PRO A 120 -14.53 13.52 -4.91
CA PRO A 120 -13.07 13.59 -5.04
C PRO A 120 -12.49 12.29 -5.54
N VAL A 121 -11.36 12.38 -6.22
CA VAL A 121 -10.67 11.20 -6.69
C VAL A 121 -9.27 11.25 -6.09
N PRO A 122 -9.02 10.46 -5.04
CA PRO A 122 -7.66 10.44 -4.50
C PRO A 122 -6.66 9.86 -5.48
N ASP A 123 -5.40 10.25 -5.29
CA ASP A 123 -4.36 9.82 -6.18
C ASP A 123 -3.81 8.46 -5.76
N THR A 124 -4.64 7.43 -5.94
CA THR A 124 -4.21 6.09 -5.71
C THR A 124 -3.42 5.66 -6.94
N ILE A 125 -2.70 4.58 -6.82
CA ILE A 125 -1.76 4.21 -7.86
C ILE A 125 -2.48 3.66 -9.10
N GLY A 126 -2.18 4.25 -10.26
CA GLY A 126 -2.78 3.79 -11.53
C GLY A 126 -4.26 4.14 -11.74
N VAL A 127 -4.78 5.07 -10.93
CA VAL A 127 -6.21 5.42 -10.99
C VAL A 127 -6.66 5.90 -12.40
N GLU A 128 -5.77 6.58 -13.12
CA GLU A 128 -6.03 7.03 -14.49
C GLU A 128 -6.19 5.90 -15.49
N PHE A 129 -5.80 4.69 -15.11
CA PHE A 129 -6.03 3.50 -15.94
C PHE A 129 -7.17 2.68 -15.39
N VAL A 130 -7.06 2.37 -14.10
CA VAL A 130 -7.98 1.47 -13.44
C VAL A 130 -9.44 1.98 -13.50
N ALA A 131 -9.62 3.24 -13.16
CA ALA A 131 -10.97 3.78 -13.02
C ALA A 131 -11.72 3.88 -14.36
N PRO A 132 -11.08 4.46 -15.41
CA PRO A 132 -11.81 4.46 -16.69
C PRO A 132 -11.99 3.08 -17.29
N SER A 133 -11.02 2.20 -17.06
CA SER A 133 -11.15 0.83 -17.52
C SER A 133 -12.41 0.16 -16.98
N LEU A 134 -12.62 0.30 -15.68
CA LEU A 134 -13.75 -0.34 -15.02
C LEU A 134 -15.09 0.32 -15.39
N LEU A 135 -15.08 1.64 -15.44
CA LEU A 135 -16.26 2.39 -15.84
C LEU A 135 -16.75 1.96 -17.24
N ALA A 136 -15.83 1.82 -18.20
CA ALA A 136 -16.19 1.35 -19.54
C ALA A 136 -16.75 -0.06 -19.50
N ASP A 137 -16.17 -0.96 -18.70
CA ASP A 137 -16.70 -2.33 -18.62
C ASP A 137 -18.08 -2.35 -17.96
N ILE A 138 -18.26 -1.52 -16.95
CA ILE A 138 -19.58 -1.40 -16.31
C ILE A 138 -20.62 -0.93 -17.34
N ASN A 139 -20.29 0.09 -18.11
CA ASN A 139 -21.23 0.58 -19.09
C ASN A 139 -21.55 -0.47 -20.15
N THR A 140 -20.57 -1.24 -20.54
CA THR A 140 -20.81 -2.36 -21.46
C THR A 140 -21.78 -3.36 -20.89
N ARG A 141 -21.59 -3.73 -19.62
CA ARG A 141 -22.49 -4.65 -18.96
C ARG A 141 -23.90 -4.09 -18.80
N LEU A 142 -24.00 -2.79 -18.49
CA LEU A 142 -25.30 -2.14 -18.35
C LEU A 142 -26.08 -2.15 -19.65
N ALA A 143 -25.38 -1.93 -20.75
CA ALA A 143 -26.02 -1.92 -22.08
C ALA A 143 -26.58 -3.30 -22.41
N ALA A 144 -25.93 -4.34 -21.91
CA ALA A 144 -26.33 -5.73 -22.18
C ALA A 144 -27.40 -6.25 -21.23
N LEU A 145 -27.67 -5.57 -20.12
CA LEU A 145 -28.76 -5.98 -19.24
C LEU A 145 -30.09 -5.93 -19.97
N THR A 146 -30.98 -6.81 -19.58
CA THR A 146 -32.38 -6.73 -20.01
C THR A 146 -33.22 -6.50 -18.78
N GLU A 147 -34.50 -6.19 -19.00
CA GLU A 147 -35.39 -5.93 -17.87
C GLU A 147 -35.69 -7.18 -17.03
N GLN A 148 -35.36 -8.37 -17.55
CA GLN A 148 -35.47 -9.61 -16.78
C GLN A 148 -34.26 -9.87 -15.86
N ALA A 149 -33.29 -8.97 -15.82
CA ALA A 149 -32.22 -9.07 -14.84
C ALA A 149 -32.83 -9.13 -13.43
N PRO A 150 -32.17 -9.79 -12.49
CA PRO A 150 -32.81 -9.99 -11.21
C PRO A 150 -32.97 -8.71 -10.42
N GLY A 151 -33.95 -8.69 -9.52
CA GLY A 151 -34.23 -7.54 -8.67
C GLY A 151 -34.43 -6.23 -9.42
N LYS A 152 -33.93 -5.15 -8.84
CA LYS A 152 -34.07 -3.82 -9.44
C LYS A 152 -33.02 -3.57 -10.50
N LEU A 153 -32.13 -4.55 -10.68
CA LEU A 153 -31.08 -4.40 -11.66
C LEU A 153 -31.57 -4.22 -13.09
N GLY A 154 -32.68 -4.87 -13.45
CA GLY A 154 -33.30 -4.64 -14.75
C GLY A 154 -33.68 -3.19 -15.04
N ALA A 155 -33.98 -2.44 -14.00
CA ALA A 155 -34.28 -1.02 -14.15
C ALA A 155 -33.07 -0.19 -14.59
N TRP A 156 -31.86 -0.74 -14.37
CA TRP A 156 -30.59 -0.10 -14.79
C TRP A 156 -30.19 -0.39 -16.21
N SER A 157 -30.94 -1.25 -16.89
CA SER A 157 -30.66 -1.61 -18.27
C SER A 157 -30.52 -0.36 -19.14
N GLY A 158 -29.43 -0.30 -19.90
CA GLY A 158 -29.18 0.80 -20.81
C GLY A 158 -28.71 2.11 -20.19
N THR A 159 -28.48 2.13 -18.88
CA THR A 159 -27.89 3.30 -18.22
C THR A 159 -26.44 3.47 -18.69
N THR A 160 -26.00 4.72 -18.83
CA THR A 160 -24.61 5.05 -19.06
C THR A 160 -24.17 5.91 -17.91
N LEU A 161 -23.20 5.41 -17.12
CA LEU A 161 -22.61 6.19 -16.05
C LEU A 161 -21.50 7.06 -16.62
N THR A 162 -21.39 8.28 -16.12
CA THR A 162 -20.33 9.18 -16.54
C THR A 162 -19.69 9.84 -15.33
N SER A 163 -18.52 10.43 -15.54
CA SER A 163 -17.85 11.15 -14.51
C SER A 163 -17.18 12.40 -15.09
N PRO A 164 -17.26 13.51 -14.37
CA PRO A 164 -16.55 14.74 -14.74
C PRO A 164 -15.06 14.73 -14.42
N ALA A 165 -14.60 13.72 -13.68
CA ALA A 165 -13.22 13.73 -13.18
C ALA A 165 -12.23 13.50 -14.30
N PRO A 166 -11.21 14.38 -14.40
CA PRO A 166 -10.18 14.21 -15.42
C PRO A 166 -9.54 12.83 -15.41
N ASP A 167 -9.31 12.27 -14.22
CA ASP A 167 -8.69 10.93 -14.12
C ASP A 167 -9.58 9.82 -14.70
N LEU A 168 -10.88 10.08 -14.82
CA LEU A 168 -11.73 9.07 -15.42
C LEU A 168 -11.93 9.26 -16.93
N ASP A 169 -11.25 10.25 -17.50
CA ASP A 169 -11.41 10.59 -18.91
C ASP A 169 -11.13 9.43 -19.91
N GLY A 170 -10.10 8.65 -19.71
CA GLY A 170 -9.94 7.47 -20.63
C GLY A 170 -9.02 7.68 -21.85
N ALA A 171 -8.65 8.92 -22.13
CA ALA A 171 -7.75 9.22 -23.25
C ALA A 171 -6.37 8.60 -23.05
N LEU A 172 -5.79 8.75 -21.85
CA LEU A 172 -4.48 8.15 -21.58
C LEU A 172 -4.53 6.62 -21.66
N LEU A 173 -5.57 6.02 -21.11
CA LEU A 173 -5.74 4.57 -21.21
C LEU A 173 -5.78 4.11 -22.67
N ALA A 174 -6.52 4.84 -23.50
CA ALA A 174 -6.64 4.51 -24.91
C ALA A 174 -5.26 4.57 -25.58
N GLY A 175 -4.47 5.58 -25.22
CA GLY A 175 -3.14 5.76 -25.76
C GLY A 175 -2.21 4.62 -25.38
N VAL A 176 -2.27 4.21 -24.11
CA VAL A 176 -1.41 3.16 -23.64
C VAL A 176 -1.83 1.84 -24.24
N ARG A 177 -3.14 1.63 -24.40
CA ARG A 177 -3.59 0.44 -25.11
C ARG A 177 -3.07 0.40 -26.57
N GLU A 178 -3.13 1.52 -27.27
CA GLU A 178 -2.64 1.51 -28.63
C GLU A 178 -1.11 1.33 -28.63
N THR A 180 0.78 -0.25 -26.58
CA THR A 180 1.18 -1.60 -26.20
C THR A 180 0.83 -2.69 -27.22
N GLU A 181 0.32 -2.28 -28.39
CA GLU A 181 0.29 -3.17 -29.56
C GLU A 181 1.68 -3.25 -30.22
N GLN A 182 2.54 -2.24 -29.97
CA GLN A 182 3.84 -2.20 -30.64
C GLN A 182 5.08 -2.14 -29.73
N ALA A 183 4.86 -1.90 -28.44
CA ALA A 183 5.92 -1.77 -27.48
C ALA A 183 5.44 -2.24 -26.13
N PRO A 184 6.37 -2.68 -25.29
CA PRO A 184 5.94 -3.24 -24.02
C PRO A 184 5.44 -2.19 -23.04
N LEU A 185 4.41 -2.58 -22.28
CA LEU A 185 3.97 -1.80 -21.14
C LEU A 185 5.17 -1.48 -20.25
N PRO A 186 5.35 -0.22 -19.79
CA PRO A 186 6.44 0.01 -18.83
C PRO A 186 6.35 -0.88 -17.58
N GLU A 187 7.52 -1.26 -17.08
CA GLU A 187 7.61 -2.17 -15.94
C GLU A 187 6.76 -1.72 -14.74
N LYS A 188 6.76 -0.42 -14.46
CA LYS A 188 6.03 0.09 -13.29
C LYS A 188 4.51 -0.04 -13.47
N LEU A 189 4.04 -0.23 -14.70
CA LEU A 189 2.61 -0.44 -14.98
C LEU A 189 2.23 -1.91 -15.12
N TRP A 190 3.17 -2.84 -15.02
CA TRP A 190 2.79 -4.25 -15.03
C TRP A 190 1.82 -4.58 -13.90
N HIS A 191 2.01 -3.92 -12.76
CA HIS A 191 1.13 -4.06 -11.61
C HIS A 191 -0.33 -3.73 -11.94
N THR A 192 -0.56 -2.95 -13.01
CA THR A 192 -1.90 -2.50 -13.40
C THR A 192 -2.33 -3.06 -14.78
N LEU A 193 -1.74 -4.18 -15.16
CA LEU A 193 -2.01 -4.76 -16.47
C LEU A 193 -3.52 -4.95 -16.72
N GLU A 194 -4.26 -5.31 -15.69
CA GLU A 194 -5.72 -5.65 -15.86
C GLU A 194 -6.55 -4.47 -16.30
N ALA A 195 -6.04 -3.26 -16.07
CA ALA A 195 -6.69 -2.06 -16.57
C ALA A 195 -6.50 -1.89 -18.07
N VAL A 196 -5.36 -2.36 -18.57
CA VAL A 196 -5.01 -2.28 -19.96
C VAL A 196 -5.78 -3.34 -20.75
N THR A 197 -5.87 -4.55 -20.21
CA THR A 197 -6.52 -5.65 -20.87
C THR A 197 -7.02 -6.65 -19.86
N ARG A 198 -8.18 -7.25 -20.16
CA ARG A 198 -8.73 -8.31 -19.32
C ARG A 198 -8.05 -9.63 -19.57
N ASP A 199 -7.42 -9.77 -20.73
CA ASP A 199 -6.84 -11.02 -21.18
C ASP A 199 -5.78 -10.71 -22.22
N GLY A 200 -4.54 -10.65 -21.78
CA GLY A 200 -3.43 -10.32 -22.67
C GLY A 200 -2.16 -10.06 -21.89
N THR A 201 -1.04 -9.92 -22.60
CA THR A 201 0.27 -9.87 -21.93
C THR A 201 0.92 -8.51 -22.07
N ARG A 202 0.88 -7.93 -23.27
CA ARG A 202 1.30 -6.52 -23.45
C ARG A 202 2.77 -6.23 -23.07
N GLY A 203 3.61 -7.24 -23.17
CA GLY A 203 5.01 -7.12 -22.83
C GLY A 203 5.34 -7.24 -21.34
N ALA A 204 4.31 -7.43 -20.50
CA ALA A 204 4.56 -7.70 -19.10
C ALA A 204 5.13 -9.10 -18.95
N ARG A 205 6.11 -9.24 -18.07
CA ARG A 205 6.83 -10.48 -17.89
C ARG A 205 6.63 -11.03 -16.48
N PRO A 206 6.12 -12.25 -16.37
CA PRO A 206 6.00 -12.84 -15.04
C PRO A 206 7.35 -12.96 -14.35
N HIS A 207 7.34 -12.79 -13.04
CA HIS A 207 8.50 -13.08 -12.24
C HIS A 207 8.97 -14.53 -12.47
N GLU A 208 10.27 -14.68 -12.66
CA GLU A 208 10.91 -15.97 -12.88
C GLU A 208 12.15 -15.99 -12.02
N GLY A 209 12.40 -17.04 -11.28
CA GLY A 209 13.54 -17.03 -10.38
C GLY A 209 13.08 -17.33 -8.97
N ALA A 210 13.40 -16.47 -8.02
CA ALA A 210 13.22 -16.85 -6.64
C ALA A 210 11.75 -17.13 -6.27
N PRO A 211 11.51 -18.22 -5.54
CA PRO A 211 10.23 -18.35 -4.88
C PRO A 211 10.03 -17.16 -3.92
N PRO A 212 8.78 -16.94 -3.47
CA PRO A 212 7.66 -17.86 -3.58
C PRO A 212 6.61 -17.53 -4.64
N HIS A 213 6.88 -16.55 -5.48
CA HIS A 213 5.83 -15.97 -6.33
C HIS A 213 6.17 -16.04 -7.81
N ASN A 214 6.92 -17.08 -8.22
CA ASN A 214 7.13 -17.26 -9.66
C ASN A 214 5.79 -17.27 -10.40
N GLY A 215 5.76 -16.57 -11.53
CA GLY A 215 4.55 -16.44 -12.34
C GLY A 215 3.71 -15.20 -12.08
N SER A 216 3.91 -14.55 -10.92
CA SER A 216 3.22 -13.29 -10.64
C SER A 216 3.66 -12.21 -11.62
N VAL A 217 2.73 -11.31 -11.93
CA VAL A 217 2.98 -10.19 -12.84
C VAL A 217 2.85 -8.91 -12.03
N GLY A 218 3.96 -8.19 -11.91
CA GLY A 218 3.99 -7.00 -11.09
C GLY A 218 3.52 -7.21 -9.65
N CYS A 219 3.74 -8.40 -9.07
CA CYS A 219 3.25 -8.70 -7.72
C CYS A 219 1.77 -8.32 -7.49
N SER A 220 0.93 -8.52 -8.52
CA SER A 220 -0.49 -8.23 -8.48
C SER A 220 -1.29 -9.47 -8.82
N PRO A 221 -2.18 -9.90 -7.93
CA PRO A 221 -3.05 -11.01 -8.35
C PRO A 221 -3.91 -10.65 -9.57
N ALA A 222 -4.49 -9.46 -9.60
CA ALA A 222 -5.31 -9.05 -10.74
C ALA A 222 -4.53 -9.04 -12.07
N ALA A 223 -3.33 -8.45 -12.06
CA ALA A 223 -2.52 -8.37 -13.28
C ALA A 223 -2.16 -9.77 -13.76
N THR A 224 -1.89 -10.66 -12.80
CA THR A 224 -1.54 -12.04 -13.10
C THR A 224 -2.71 -12.75 -13.75
N ALA A 225 -3.92 -12.52 -13.25
CA ALA A 225 -5.12 -13.08 -13.84
C ALA A 225 -5.30 -12.59 -15.28
N ALA A 226 -5.05 -11.31 -15.52
CA ALA A 226 -5.21 -10.73 -16.87
C ALA A 226 -4.19 -11.35 -17.83
N TRP A 227 -2.98 -11.55 -17.34
CA TRP A 227 -1.88 -12.10 -18.13
C TRP A 227 -2.17 -13.54 -18.51
N LEU A 228 -2.64 -14.33 -17.56
CA LEU A 228 -2.96 -15.75 -17.79
C LEU A 228 -4.12 -15.97 -18.73
N GLY A 229 -5.06 -15.05 -18.76
CA GLY A 229 -6.21 -15.16 -19.62
C GLY A 229 -7.32 -16.04 -19.08
N ALA A 230 -8.30 -16.28 -19.93
CA ALA A 230 -9.57 -16.84 -19.52
C ALA A 230 -9.47 -18.32 -19.21
N ALA A 231 -8.55 -19.03 -19.86
CA ALA A 231 -8.41 -20.47 -19.60
C ALA A 231 -6.96 -20.86 -19.51
N PRO A 232 -6.31 -20.54 -18.38
CA PRO A 232 -4.88 -20.78 -18.31
C PRO A 232 -4.50 -22.26 -18.19
N ASP A 233 -3.28 -22.58 -18.60
CA ASP A 233 -2.70 -23.90 -18.37
C ASP A 233 -2.60 -24.09 -16.87
N PRO A 234 -3.16 -25.19 -16.33
CA PRO A 234 -3.16 -25.36 -14.87
C PRO A 234 -1.76 -25.57 -14.27
N ALA A 235 -0.77 -25.83 -15.12
CA ALA A 235 0.59 -26.00 -14.64
C ALA A 235 1.38 -24.69 -14.68
N ALA A 236 0.74 -23.60 -15.09
CA ALA A 236 1.43 -22.32 -15.21
C ALA A 236 1.83 -21.87 -13.82
N PRO A 237 3.05 -21.37 -13.67
CA PRO A 237 3.45 -20.80 -12.38
C PRO A 237 2.48 -19.73 -11.87
N GLY A 238 1.96 -18.92 -12.77
CA GLY A 238 1.02 -17.86 -12.35
C GLY A 238 -0.22 -18.42 -11.68
N VAL A 239 -0.65 -19.60 -12.14
CA VAL A 239 -1.76 -20.27 -11.51
C VAL A 239 -1.44 -20.65 -10.07
N ALA A 240 -0.22 -21.14 -9.82
CA ALA A 240 0.20 -21.51 -8.47
C ALA A 240 0.26 -20.27 -7.58
N TYR A 241 0.75 -19.16 -8.12
CA TYR A 241 0.75 -17.91 -7.34
C TYR A 241 -0.66 -17.53 -6.91
N LEU A 242 -1.61 -17.49 -7.86
CA LEU A 242 -3.01 -17.14 -7.53
C LEU A 242 -3.59 -18.10 -6.51
N ARG A 243 -3.35 -19.41 -6.71
CA ARG A 243 -3.83 -20.40 -5.74
CA ARG A 243 -3.83 -20.40 -5.74
C ARG A 243 -3.25 -20.16 -4.35
N ASP A 244 -1.95 -19.94 -4.27
CA ASP A 244 -1.29 -19.72 -2.97
C ASP A 244 -1.84 -18.49 -2.28
N VAL A 245 -1.99 -17.40 -3.03
CA VAL A 245 -2.39 -16.15 -2.43
C VAL A 245 -3.81 -16.26 -1.87
N GLN A 246 -4.74 -16.80 -2.65
CA GLN A 246 -6.13 -16.87 -2.20
C GLN A 246 -6.26 -17.83 -1.01
N ALA A 247 -5.47 -18.92 -1.04
CA ALA A 247 -5.51 -19.93 0.01
C ALA A 247 -5.08 -19.35 1.34
N ARG A 248 -4.13 -18.43 1.30
CA ARG A 248 -3.60 -17.85 2.50
C ARG A 248 -4.70 -17.17 3.30
N PHE A 249 -5.68 -16.58 2.60
CA PHE A 249 -6.74 -15.82 3.27
C PHE A 249 -8.12 -16.42 3.18
N GLY A 250 -8.21 -17.63 2.64
CA GLY A 250 -9.50 -18.29 2.43
C GLY A 250 -10.39 -17.69 1.34
N GLY A 251 -9.77 -17.14 0.29
CA GLY A 251 -10.50 -16.63 -0.89
C GLY A 251 -10.12 -15.21 -1.29
N PRO A 252 -10.39 -14.23 -0.40
CA PRO A 252 -10.01 -12.84 -0.69
C PRO A 252 -8.50 -12.65 -0.80
N VAL A 253 -8.09 -11.58 -1.49
CA VAL A 253 -6.68 -11.37 -1.81
C VAL A 253 -6.31 -9.90 -1.61
N PRO A 254 -5.03 -9.64 -1.29
CA PRO A 254 -4.49 -8.28 -1.30
C PRO A 254 -4.22 -7.82 -2.73
N SER A 255 -3.95 -6.54 -2.91
CA SER A 255 -3.65 -5.96 -4.24
C SER A 255 -2.15 -6.01 -4.60
N ILE A 256 -1.32 -6.27 -3.59
CA ILE A 256 0.12 -6.36 -3.76
C ILE A 256 0.65 -7.46 -2.86
N THR A 257 1.32 -8.43 -3.48
CA THR A 257 1.96 -9.54 -2.75
C THR A 257 2.90 -10.26 -3.72
N PRO A 258 4.13 -10.57 -3.27
CA PRO A 258 4.75 -10.26 -1.99
C PRO A 258 5.16 -8.80 -1.87
N ILE A 259 5.51 -8.44 -0.64
CA ILE A 259 6.11 -7.15 -0.30
C ILE A 259 7.40 -7.36 0.53
N VAL A 260 8.03 -8.49 0.33
CA VAL A 260 9.11 -8.97 1.23
C VAL A 260 10.20 -7.92 1.58
N TYR A 261 10.76 -7.24 0.60
CA TYR A 261 11.84 -6.27 0.91
C TYR A 261 11.36 -5.04 1.66
N PHE A 262 10.23 -4.48 1.24
CA PHE A 262 9.55 -3.42 1.99
C PHE A 262 9.33 -3.86 3.45
N GLU A 263 8.74 -5.03 3.65
CA GLU A 263 8.45 -5.46 5.02
C GLU A 263 9.75 -5.67 5.83
N GLN A 264 10.73 -6.34 5.23
CA GLN A 264 11.99 -6.62 5.95
C GLN A 264 12.65 -5.32 6.40
N ALA A 265 12.77 -4.35 5.49
CA ALA A 265 13.41 -3.08 5.83
C ALA A 265 12.64 -2.27 6.86
N TRP A 266 11.33 -2.20 6.68
CA TRP A 266 10.51 -1.41 7.60
C TRP A 266 10.50 -2.04 9.01
N VAL A 267 10.40 -3.36 9.08
CA VAL A 267 10.48 -4.05 10.36
C VAL A 267 11.82 -3.80 11.03
N LEU A 268 12.91 -3.99 10.28
CA LEU A 268 14.23 -3.73 10.84
C LEU A 268 14.44 -2.27 11.28
N ASN A 269 13.96 -1.31 10.48
CA ASN A 269 14.11 0.10 10.87
C ASN A 269 13.26 0.50 12.07
N SER A 270 12.06 -0.07 12.17
CA SER A 270 11.24 0.16 13.35
C SER A 270 11.92 -0.39 14.60
N LEU A 271 12.43 -1.61 14.52
CA LEU A 271 13.11 -2.23 15.67
C LEU A 271 14.39 -1.50 16.06
N ALA A 272 15.11 -0.97 15.08
CA ALA A 272 16.32 -0.15 15.38
C ALA A 272 15.96 1.11 16.10
N ALA A 273 14.82 1.70 15.76
CA ALA A 273 14.33 2.91 16.38
C ALA A 273 13.78 2.67 17.77
N SER A 274 13.38 1.44 18.05
CA SER A 274 12.69 1.10 19.30
C SER A 274 13.55 1.20 20.55
N GLY A 275 14.87 1.07 20.39
CA GLY A 275 15.74 0.99 21.57
C GLY A 275 15.79 -0.39 22.22
N LEU A 276 15.07 -1.37 21.68
CA LEU A 276 15.12 -2.75 22.17
C LEU A 276 16.39 -3.49 21.76
N ARG A 277 16.84 -4.39 22.63
CA ARG A 277 17.96 -5.27 22.35
C ARG A 277 17.44 -6.52 21.65
N TYR A 278 18.08 -6.86 20.55
CA TYR A 278 17.76 -8.07 19.80
C TYR A 278 18.93 -8.31 18.89
N GLU A 279 18.95 -9.52 18.33
CA GLU A 279 19.85 -9.86 17.26
C GLU A 279 19.02 -10.03 15.97
N ALA A 280 19.29 -9.21 14.96
CA ALA A 280 18.65 -9.39 13.65
C ALA A 280 19.05 -10.75 13.10
N PRO A 281 18.04 -11.56 12.73
CA PRO A 281 18.38 -12.82 12.10
C PRO A 281 19.14 -12.55 10.79
N ALA A 282 20.22 -13.27 10.60
CA ALA A 282 21.02 -13.15 9.39
C ALA A 282 20.20 -13.32 8.13
N ALA A 283 19.18 -14.17 8.18
CA ALA A 283 18.36 -14.44 7.02
C ALA A 283 17.70 -13.16 6.48
N LEU A 284 17.32 -12.23 7.36
CA LEU A 284 16.69 -10.99 6.87
C LEU A 284 17.73 -10.15 6.15
N LEU A 285 18.92 -10.04 6.74
CA LEU A 285 19.94 -9.17 6.20
C LEU A 285 20.45 -9.78 4.90
N ASP A 286 20.58 -11.11 4.86
CA ASP A 286 20.96 -11.80 3.61
C ASP A 286 19.98 -11.59 2.46
N SER A 287 18.67 -11.67 2.76
CA SER A 287 17.60 -11.42 1.76
C SER A 287 17.76 -10.03 1.17
N LEU A 288 17.90 -9.05 2.04
CA LEU A 288 18.04 -7.67 1.58
C LEU A 288 19.30 -7.45 0.76
N GLU A 289 20.44 -7.96 1.23
CA GLU A 289 21.68 -7.82 0.44
C GLU A 289 21.64 -8.48 -0.94
N ALA A 290 21.05 -9.66 -1.01
CA ALA A 290 20.89 -10.37 -2.26
C ALA A 290 20.01 -9.57 -3.20
N GLY A 291 19.02 -8.86 -2.68
CA GLY A 291 18.11 -8.15 -3.53
C GLY A 291 18.66 -6.83 -4.04
N LEU A 292 19.54 -6.23 -3.28
CA LEU A 292 20.10 -4.93 -3.60
C LEU A 292 21.07 -5.00 -4.78
N THR A 293 20.90 -4.11 -5.76
CA THR A 293 21.78 -4.03 -6.91
C THR A 293 22.28 -2.62 -7.08
N ASP A 294 23.08 -2.39 -8.12
CA ASP A 294 23.58 -1.05 -8.48
C ASP A 294 22.45 -0.11 -8.85
N GLU A 295 21.30 -0.67 -9.22
CA GLU A 295 20.15 0.14 -9.57
C GLU A 295 19.18 0.33 -8.39
N GLY A 296 19.53 -0.25 -7.24
CA GLY A 296 18.70 -0.23 -6.03
C GLY A 296 17.91 -1.51 -5.87
N ILE A 297 16.70 -1.38 -5.32
CA ILE A 297 15.87 -2.54 -4.97
C ILE A 297 14.40 -2.05 -5.01
N ALA A 298 13.49 -2.99 -5.21
CA ALA A 298 12.05 -2.74 -5.20
C ALA A 298 11.44 -3.23 -3.90
N ALA A 299 10.11 -3.11 -3.80
CA ALA A 299 9.41 -3.63 -2.64
C ALA A 299 9.46 -5.16 -2.58
N ALA A 300 9.66 -5.76 -3.74
CA ALA A 300 9.76 -7.21 -3.89
C ALA A 300 10.33 -7.56 -5.27
N PRO A 301 10.84 -8.80 -5.43
CA PRO A 301 11.26 -9.17 -6.78
C PRO A 301 10.06 -9.14 -7.75
N GLY A 302 10.29 -8.71 -8.98
CA GLY A 302 9.21 -8.60 -9.97
C GLY A 302 8.63 -7.21 -10.15
N LEU A 303 9.11 -6.26 -9.34
CA LEU A 303 8.75 -4.85 -9.42
C LEU A 303 10.00 -4.00 -9.77
N PRO A 304 9.81 -2.81 -10.34
CA PRO A 304 10.97 -1.96 -10.65
C PRO A 304 11.51 -1.33 -9.39
N SER A 305 12.81 -1.06 -9.39
CA SER A 305 13.47 -0.44 -8.25
C SER A 305 12.96 0.96 -8.01
N ASP A 306 12.94 1.37 -6.75
CA ASP A 306 12.54 2.71 -6.40
C ASP A 306 13.39 3.20 -5.26
N SER A 307 13.52 4.52 -5.14
CA SER A 307 14.45 5.05 -4.17
C SER A 307 13.97 4.97 -2.72
N ASP A 308 12.66 4.88 -2.51
CA ASP A 308 12.15 4.79 -1.15
C ASP A 308 12.54 3.45 -0.56
N ASP A 309 12.20 2.36 -1.26
CA ASP A 309 12.60 1.06 -0.83
C ASP A 309 14.13 0.92 -0.77
N THR A 310 14.82 1.50 -1.76
CA THR A 310 16.29 1.42 -1.80
C THR A 310 16.88 2.09 -0.56
N ALA A 311 16.40 3.30 -0.25
CA ALA A 311 16.90 4.06 0.92
C ALA A 311 16.59 3.32 2.21
N ALA A 312 15.36 2.80 2.35
CA ALA A 312 15.00 2.07 3.56
C ALA A 312 15.87 0.83 3.75
N VAL A 313 16.14 0.13 2.66
CA VAL A 313 16.91 -1.09 2.71
C VAL A 313 18.38 -0.79 3.04
N LEU A 314 18.94 0.24 2.44
CA LEU A 314 20.32 0.66 2.75
C LEU A 314 20.45 1.06 4.22
N PHE A 315 19.48 1.81 4.71
CA PHE A 315 19.44 2.24 6.11
C PHE A 315 19.29 1.04 7.03
N ALA A 316 18.41 0.12 6.68
CA ALA A 316 18.21 -1.07 7.50
C ALA A 316 19.48 -1.93 7.60
N LEU A 317 20.11 -2.15 6.45
CA LEU A 317 21.33 -2.94 6.40
C LEU A 317 22.43 -2.27 7.23
N ALA A 318 22.62 -0.97 7.02
CA ALA A 318 23.69 -0.23 7.71
C ALA A 318 23.49 -0.16 9.21
N GLN A 319 22.25 -0.03 9.65
CA GLN A 319 21.96 -0.05 11.08
C GLN A 319 22.22 -1.41 11.73
N HIS A 320 22.30 -2.45 10.94
CA HIS A 320 22.51 -3.79 11.49
C HIS A 320 23.83 -4.40 11.04
N GLY A 321 24.82 -3.54 10.80
CA GLY A 321 26.20 -3.96 10.60
C GLY A 321 26.63 -4.27 9.18
N ARG A 322 25.79 -3.94 8.20
CA ARG A 322 26.11 -4.22 6.79
C ARG A 322 26.02 -2.94 5.98
N THR A 323 27.09 -2.17 6.02
CA THR A 323 27.12 -0.86 5.40
C THR A 323 27.51 -0.94 3.93
N HIS A 324 26.67 -0.38 3.07
CA HIS A 324 26.94 -0.31 1.64
C HIS A 324 26.87 1.13 1.24
N ARG A 325 27.81 1.57 0.41
CA ARG A 325 27.73 2.92 -0.15
C ARG A 325 26.38 3.09 -0.85
N PRO A 326 25.67 4.18 -0.53
CA PRO A 326 24.33 4.38 -1.11
C PRO A 326 24.36 5.02 -2.49
N ASP A 327 25.28 4.57 -3.35
CA ASP A 327 25.41 5.16 -4.66
C ASP A 327 24.22 4.94 -5.57
N SER A 328 23.50 3.82 -5.41
CA SER A 328 22.32 3.54 -6.20
C SER A 328 21.25 4.64 -6.07
N LEU A 329 21.25 5.36 -4.96
CA LEU A 329 20.30 6.47 -4.78
C LEU A 329 20.59 7.67 -5.69
N HIS A 331 21.12 7.86 -8.85
CA HIS A 331 20.34 7.74 -10.08
C HIS A 331 19.06 8.57 -9.99
N PHE A 332 18.55 8.72 -8.77
CA PHE A 332 17.26 9.37 -8.53
C PHE A 332 17.41 10.85 -8.12
N ARG A 333 18.64 11.38 -8.17
CA ARG A 333 18.86 12.79 -7.83
C ARG A 333 18.21 13.68 -8.88
N ARG A 334 17.49 14.71 -8.44
CA ARG A 334 16.88 15.68 -9.33
C ARG A 334 17.29 17.07 -8.83
N ASP A 335 16.70 18.11 -9.39
CA ASP A 335 17.02 19.50 -9.01
C ASP A 335 16.30 19.94 -7.73
N GLY A 336 16.99 19.79 -6.60
CA GLY A 336 16.50 20.20 -5.28
C GLY A 336 16.00 19.08 -4.37
N TYR A 337 15.93 17.87 -4.90
CA TYR A 337 15.25 16.75 -4.20
C TYR A 337 15.52 15.46 -4.97
N PHE A 338 15.00 14.34 -4.47
CA PHE A 338 15.16 13.05 -5.13
C PHE A 338 13.82 12.52 -5.60
N SER A 339 13.79 11.92 -6.78
CA SER A 339 12.56 11.25 -7.23
C SER A 339 12.48 9.86 -6.61
N CYS A 340 11.27 9.28 -6.62
CA CYS A 340 11.05 7.94 -6.04
C CYS A 340 11.22 6.88 -7.12
N PHE A 341 10.56 7.10 -8.25
CA PHE A 341 10.81 6.32 -9.46
C PHE A 341 11.58 7.21 -10.42
N GLY A 342 12.07 6.64 -11.50
CA GLY A 342 12.87 7.46 -12.43
C GLY A 342 12.07 8.60 -13.07
N VAL A 343 10.81 8.30 -13.40
CA VAL A 343 9.89 9.24 -13.99
C VAL A 343 8.68 9.34 -13.06
N GLU A 344 8.31 10.55 -12.72
CA GLU A 344 7.13 10.82 -11.88
C GLU A 344 6.64 12.25 -12.02
N ARG A 345 5.37 12.47 -11.78
CA ARG A 345 4.81 13.83 -11.79
C ARG A 345 4.84 14.52 -10.43
N THR A 346 4.72 13.73 -9.37
CA THR A 346 4.62 14.24 -8.01
C THR A 346 5.71 13.67 -7.14
N PRO A 347 6.53 14.53 -6.53
CA PRO A 347 7.52 14.02 -5.60
C PRO A 347 6.90 13.46 -4.32
N SER A 348 7.66 12.59 -3.67
CA SER A 348 7.30 12.00 -2.40
C SER A 348 8.11 12.62 -1.26
N THR A 349 7.41 13.10 -0.24
CA THR A 349 8.08 13.64 0.97
C THR A 349 8.67 12.51 1.80
N SER A 350 7.94 11.39 1.94
CA SER A 350 8.43 10.26 2.74
C SER A 350 9.68 9.65 2.10
N THR A 351 9.72 9.61 0.77
CA THR A 351 10.89 9.08 0.06
C THR A 351 12.14 9.92 0.36
N ASN A 352 12.00 11.23 0.26
CA ASN A 352 13.11 12.13 0.57
C ASN A 352 13.55 12.03 2.02
N ALA A 353 12.59 11.93 2.94
CA ALA A 353 12.92 11.61 4.35
C ALA A 353 13.76 10.34 4.47
N HIS A 354 13.35 9.26 3.79
CA HIS A 354 14.07 8.01 3.90
C HIS A 354 15.47 8.07 3.25
N ILE A 355 15.60 8.85 2.19
CA ILE A 355 16.89 9.09 1.57
C ILE A 355 17.78 9.92 2.51
N LEU A 356 17.21 10.89 3.18
CA LEU A 356 17.97 11.64 4.19
C LEU A 356 18.52 10.72 5.27
N GLU A 357 17.71 9.76 5.72
CA GLU A 357 18.19 8.80 6.70
C GLU A 357 19.32 7.91 6.16
N ALA A 358 19.13 7.34 4.96
CA ALA A 358 20.14 6.45 4.44
C ALA A 358 21.49 7.19 4.29
N LEU A 359 21.42 8.38 3.69
CA LEU A 359 22.63 9.18 3.46
C LEU A 359 23.24 9.68 4.75
N GLY A 360 22.41 10.29 5.59
CA GLY A 360 22.85 10.82 6.88
C GLY A 360 23.46 9.76 7.76
N HIS A 361 22.84 8.58 7.76
CA HIS A 361 23.35 7.51 8.56
C HIS A 361 24.68 6.99 8.00
N HIS A 362 24.75 6.90 6.67
CA HIS A 362 25.97 6.47 6.02
C HIS A 362 27.15 7.37 6.39
N VAL A 363 26.98 8.70 6.26
CA VAL A 363 28.09 9.64 6.50
C VAL A 363 28.49 9.70 7.96
N THR A 364 27.57 9.29 8.82
CA THR A 364 27.85 9.10 10.24
C THR A 364 28.75 7.88 10.46
N VAL A 365 28.39 6.76 9.87
CA VAL A 365 29.08 5.49 10.09
C VAL A 365 30.33 5.29 9.17
N ARG A 366 30.41 6.07 8.10
CA ARG A 366 31.59 6.09 7.21
C ARG A 366 31.98 7.54 6.99
N PRO A 367 32.56 8.18 8.04
CA PRO A 367 32.86 9.61 7.99
C PRO A 367 33.70 10.03 6.79
N ASP A 368 34.54 9.14 6.25
CA ASP A 368 35.32 9.44 5.03
C ASP A 368 34.45 9.75 3.79
N ASP A 369 33.20 9.28 3.80
CA ASP A 369 32.26 9.58 2.70
C ASP A 369 31.45 10.85 2.90
N ALA A 370 31.75 11.62 3.95
CA ALA A 370 30.97 12.83 4.23
C ALA A 370 30.91 13.80 3.06
N GLY A 371 31.99 13.91 2.28
CA GLY A 371 31.98 14.77 1.10
C GLY A 371 31.17 14.21 -0.06
N ARG A 372 31.15 12.89 -0.17
CA ARG A 372 30.44 12.21 -1.23
C ARG A 372 28.92 12.54 -1.23
N TYR A 373 28.33 12.66 -0.03
CA TYR A 373 26.86 12.82 0.09
C TYR A 373 26.42 14.06 0.89
N GLY A 374 27.40 14.78 1.44
CA GLY A 374 27.12 15.84 2.41
C GLY A 374 26.18 16.86 1.85
N ALA A 375 26.44 17.28 0.62
CA ALA A 375 25.60 18.23 -0.10
C ALA A 375 24.17 17.77 -0.28
N GLU A 376 24.03 16.53 -0.75
CA GLU A 376 22.70 15.98 -1.01
C GLU A 376 21.89 15.96 0.27
N ILE A 377 22.54 15.58 1.36
CA ILE A 377 21.95 15.59 2.70
C ILE A 377 21.35 16.94 3.08
N ARG A 378 22.09 18.01 2.83
CA ARG A 378 21.59 19.32 3.24
C ARG A 378 20.57 19.92 2.27
N ILE A 380 18.28 18.01 0.66
CA ILE A 380 17.03 17.27 1.00
C ILE A 380 16.44 17.92 2.26
N SER A 381 17.31 18.23 3.21
CA SER A 381 16.93 19.08 4.35
C SER A 381 16.21 20.35 3.92
N ASP A 382 16.83 21.16 3.06
CA ASP A 382 16.16 22.33 2.46
C ASP A 382 14.74 21.96 2.10
N TRP A 383 14.64 20.99 1.20
CA TRP A 383 13.41 20.65 0.53
C TRP A 383 12.32 20.16 1.49
N LEU A 384 12.67 19.28 2.43
CA LEU A 384 11.69 18.80 3.41
C LEU A 384 11.16 19.92 4.25
N LEU A 385 12.06 20.78 4.72
CA LEU A 385 11.64 21.97 5.43
C LEU A 385 10.72 22.88 4.62
N ASP A 386 11.02 23.09 3.34
CA ASP A 386 10.22 23.96 2.52
CA ASP A 386 10.21 23.96 2.47
C ASP A 386 8.83 23.36 2.18
N ASN A 387 8.71 22.03 2.25
CA ASN A 387 7.45 21.36 1.94
C ASN A 387 6.58 21.02 3.15
N GLN A 388 7.01 21.43 4.35
CA GLN A 388 6.19 21.32 5.54
C GLN A 388 4.98 22.24 5.40
N LEU A 389 3.80 21.74 5.77
CA LEU A 389 2.57 22.55 5.66
C LEU A 389 2.50 23.59 6.79
N PRO A 390 1.72 24.66 6.57
CA PRO A 390 1.63 25.70 7.60
C PRO A 390 1.25 25.14 8.99
N ASP A 391 0.46 24.07 9.07
CA ASP A 391 0.08 23.55 10.38
C ASP A 391 1.12 22.67 11.07
N GLY A 392 2.25 22.42 10.40
CA GLY A 392 3.32 21.62 10.99
C GLY A 392 3.37 20.19 10.47
N SER A 393 2.37 19.81 9.69
CA SER A 393 2.31 18.46 9.16
C SER A 393 2.99 18.37 7.81
N TRP A 394 3.14 17.12 7.32
CA TRP A 394 3.46 16.89 5.92
C TRP A 394 2.37 15.93 5.38
N ASP A 396 2.14 12.85 2.09
CA ASP A 396 2.97 12.07 1.19
C ASP A 396 2.09 11.33 0.19
N LYS A 397 2.61 11.16 -1.01
CA LYS A 397 1.88 10.50 -2.08
C LYS A 397 1.60 9.03 -1.85
N TRP A 398 2.38 8.33 -1.03
CA TRP A 398 2.24 6.88 -0.91
C TRP A 398 1.25 6.42 0.17
N HIS A 399 0.69 7.35 0.94
CA HIS A 399 -0.05 6.99 2.14
C HIS A 399 -1.17 7.98 2.33
N ALA A 400 -2.33 7.47 2.71
CA ALA A 400 -3.52 8.29 2.99
C ALA A 400 -3.45 9.16 4.25
N SER A 401 -2.57 8.84 5.20
CA SER A 401 -2.52 9.48 6.49
C SER A 401 -1.42 10.57 6.61
N PRO A 402 -1.79 11.76 7.12
CA PRO A 402 -0.74 12.73 7.42
C PRO A 402 0.14 12.29 8.59
N TYR A 403 -0.33 11.30 9.37
CA TYR A 403 0.45 10.80 10.51
C TYR A 403 1.67 10.04 10.03
N TYR A 404 1.53 9.28 8.94
CA TYR A 404 2.70 8.63 8.31
C TYR A 404 3.71 9.65 7.82
N ALA A 405 3.23 10.57 6.98
CA ALA A 405 4.12 11.54 6.29
C ALA A 405 4.84 12.43 7.31
N THR A 406 4.09 12.86 8.33
CA THR A 406 4.65 13.77 9.33
C THR A 406 5.70 13.05 10.19
N ALA A 407 5.43 11.81 10.59
CA ALA A 407 6.40 11.05 11.32
C ALA A 407 7.66 10.82 10.50
N CYS A 408 7.50 10.41 9.24
CA CYS A 408 8.67 10.13 8.38
C CYS A 408 9.60 11.38 8.32
N CYS A 409 9.03 12.52 7.99
CA CYS A 409 9.78 13.74 7.72
C CYS A 409 10.37 14.33 8.97
N ALA A 410 9.58 14.41 10.04
CA ALA A 410 10.09 14.99 11.30
C ALA A 410 11.17 14.13 11.92
N LEU A 411 11.04 12.80 11.82
CA LEU A 411 12.02 11.91 12.44
C LEU A 411 13.33 11.89 11.67
N ALA A 412 13.27 12.01 10.35
CA ALA A 412 14.45 12.11 9.51
C ALA A 412 15.16 13.43 9.81
N LEU A 413 14.40 14.51 9.84
CA LEU A 413 14.97 15.85 10.14
C LEU A 413 15.52 15.97 11.55
N ALA A 414 14.89 15.29 12.52
CA ALA A 414 15.34 15.33 13.91
C ALA A 414 16.74 14.72 14.05
N GLU A 415 16.97 13.61 13.38
CA GLU A 415 18.22 12.90 13.50
C GLU A 415 19.32 13.44 12.54
N PHE A 416 18.94 13.94 11.35
CA PHE A 416 19.94 14.25 10.30
C PHE A 416 19.83 15.63 9.66
N GLY A 417 18.90 16.46 10.11
CA GLY A 417 18.66 17.75 9.49
C GLY A 417 19.53 18.86 10.06
N GLY A 418 20.15 18.61 11.20
CA GLY A 418 20.83 19.67 11.88
C GLY A 418 19.96 20.75 12.50
N PRO A 419 20.61 21.58 13.35
CA PRO A 419 19.87 22.59 14.14
C PRO A 419 18.95 23.53 13.33
N SER A 420 19.25 23.76 12.06
CA SER A 420 18.38 24.62 11.25
C SER A 420 16.99 24.02 11.12
N ALA A 421 16.88 22.69 11.27
CA ALA A 421 15.64 21.95 11.06
C ALA A 421 14.83 21.72 12.33
N ARG A 422 15.34 22.16 13.48
CA ARG A 422 14.69 21.87 14.77
C ARG A 422 13.34 22.60 14.97
N ALA A 423 13.20 23.79 14.38
CA ALA A 423 11.92 24.52 14.46
C ALA A 423 10.80 23.70 13.83
N ALA A 424 11.08 23.13 12.68
CA ALA A 424 10.12 22.31 11.95
C ALA A 424 9.71 21.07 12.73
N VAL A 425 10.68 20.42 13.36
CA VAL A 425 10.41 19.27 14.19
C VAL A 425 9.49 19.64 15.34
N ASP A 426 9.73 20.78 16.00
CA ASP A 426 8.87 21.21 17.09
C ASP A 426 7.45 21.51 16.60
N ARG A 427 7.32 22.08 15.40
CA ARG A 427 6.02 22.39 14.83
C ARG A 427 5.24 21.09 14.53
N ALA A 428 5.97 20.07 14.10
CA ALA A 428 5.37 18.72 13.90
C ALA A 428 4.86 18.13 15.23
N ALA A 429 5.64 18.23 16.29
CA ALA A 429 5.22 17.74 17.61
C ALA A 429 4.02 18.53 18.14
N ALA A 430 4.00 19.84 17.89
CA ALA A 430 2.85 20.65 18.24
C ALA A 430 1.58 20.17 17.50
N TRP A 431 1.72 19.86 16.22
CA TRP A 431 0.62 19.33 15.42
C TRP A 431 0.14 18.00 15.96
N ALA A 432 1.07 17.16 16.37
CA ALA A 432 0.71 15.93 17.03
C ALA A 432 -0.13 16.17 18.28
N LEU A 433 0.26 17.11 19.14
CA LEU A 433 -0.49 17.31 20.36
C LEU A 433 -1.89 17.83 20.02
N ALA A 434 -1.96 18.68 19.01
CA ALA A 434 -3.20 19.34 18.65
C ALA A 434 -4.19 18.39 18.00
N THR A 435 -3.70 17.31 17.40
CA THR A 435 -4.57 16.39 16.65
C THR A 435 -4.92 15.12 17.39
N GLN A 436 -4.38 14.93 18.58
CA GLN A 436 -4.67 13.72 19.36
C GLN A 436 -6.16 13.61 19.68
N ARG A 437 -6.72 12.42 19.51
CA ARG A 437 -8.13 12.18 19.80
C ARG A 437 -8.33 12.04 21.31
N ALA A 438 -9.59 12.14 21.74
CA ALA A 438 -9.91 12.19 23.18
C ALA A 438 -9.50 10.93 23.91
N ASP A 439 -9.53 9.78 23.21
CA ASP A 439 -9.12 8.52 23.82
C ASP A 439 -7.59 8.25 23.78
N GLY A 440 -6.81 9.23 23.34
CA GLY A 440 -5.36 9.09 23.27
C GLY A 440 -4.82 8.61 21.93
N SER A 441 -5.71 8.13 21.06
CA SER A 441 -5.30 7.67 19.74
C SER A 441 -5.10 8.81 18.75
N TRP A 442 -4.56 8.48 17.59
CA TRP A 442 -4.57 9.38 16.46
C TRP A 442 -5.05 8.59 15.25
N GLY A 443 -5.62 9.31 14.30
CA GLY A 443 -5.85 8.77 12.99
C GLY A 443 -6.75 9.64 12.15
N ARG A 444 -6.64 9.45 10.83
CA ARG A 444 -7.36 10.27 9.88
C ARG A 444 -8.89 10.12 9.96
N TRP A 445 -9.35 8.89 9.82
CA TRP A 445 -10.81 8.60 9.80
C TRP A 445 -11.30 8.03 11.14
N GLN A 446 -10.38 7.49 11.93
CA GLN A 446 -10.68 6.98 13.26
C GLN A 446 -9.31 6.83 13.93
N GLY A 447 -9.28 6.63 15.24
CA GLY A 447 -8.04 6.18 15.88
C GLY A 447 -7.61 4.82 15.38
N THR A 448 -6.32 4.70 14.99
CA THR A 448 -5.79 3.43 14.54
C THR A 448 -4.51 3.11 15.26
N THR A 449 -4.22 1.83 15.35
CA THR A 449 -2.92 1.36 15.88
C THR A 449 -1.77 1.99 15.09
N GLU A 450 -1.84 1.92 13.75
CA GLU A 450 -0.74 2.42 12.93
C GLU A 450 -0.45 3.89 13.19
N GLU A 451 -1.50 4.72 13.11
CA GLU A 451 -1.29 6.17 13.18
C GLU A 451 -0.93 6.63 14.59
N THR A 452 -1.53 5.98 15.58
CA THR A 452 -1.18 6.24 16.97
C THR A 452 0.31 5.91 17.20
N ALA A 453 0.72 4.75 16.71
CA ALA A 453 2.13 4.32 16.83
C ALA A 453 3.09 5.33 16.26
N TYR A 454 2.76 5.89 15.08
CA TYR A 454 3.63 6.90 14.46
C TYR A 454 3.79 8.15 15.35
N VAL A 456 3.25 8.40 18.69
CA VAL A 456 3.99 8.08 19.92
C VAL A 456 5.51 8.09 19.64
N GLN A 457 5.92 7.45 18.54
CA GLN A 457 7.33 7.46 18.13
C GLN A 457 7.86 8.86 17.91
N LEU A 458 7.10 9.68 17.16
CA LEU A 458 7.49 11.06 16.90
C LEU A 458 7.73 11.80 18.20
N LEU A 459 6.76 11.73 19.12
CA LEU A 459 6.85 12.47 20.37
C LEU A 459 8.00 12.00 21.25
N ARG A 461 10.77 10.12 20.32
CA ARG A 461 12.09 10.23 19.71
C ARG A 461 12.60 11.66 19.58
N THR A 462 11.70 12.65 19.61
CA THR A 462 12.09 14.04 19.42
C THR A 462 12.02 14.83 20.71
N ARG A 463 11.82 14.13 21.82
CA ARG A 463 11.67 14.73 23.12
C ARG A 463 13.04 15.27 23.53
N THR A 464 13.06 16.40 24.21
CA THR A 464 14.30 16.95 24.77
C THR A 464 14.12 17.26 26.25
N PRO A 465 15.23 17.52 26.96
CA PRO A 465 15.14 18.10 28.30
C PRO A 465 14.19 19.30 28.34
N GLY A 466 14.21 20.14 27.30
CA GLY A 466 13.34 21.32 27.23
C GLY A 466 11.87 21.10 26.91
N SER A 467 11.48 19.88 26.51
CA SER A 467 10.10 19.63 26.09
C SER A 467 9.13 19.82 27.24
N PRO A 468 7.99 20.50 26.98
CA PRO A 468 6.97 20.59 28.00
C PRO A 468 6.42 19.24 28.41
N GLY A 469 5.79 19.21 29.58
CA GLY A 469 5.27 17.99 30.16
C GLY A 469 4.16 17.37 29.34
N THR A 470 3.50 18.19 28.52
CA THR A 470 2.43 17.72 27.64
C THR A 470 2.90 16.60 26.71
N VAL A 471 4.16 16.66 26.29
CA VAL A 471 4.72 15.72 25.34
C VAL A 471 4.69 14.32 25.92
N ALA A 472 5.23 14.16 27.13
CA ALA A 472 5.27 12.84 27.75
C ALA A 472 3.88 12.32 28.09
N ARG A 473 2.97 13.18 28.54
CA ARG A 473 1.62 12.75 28.88
C ARG A 473 0.87 12.32 27.61
N SER A 474 1.06 13.08 26.54
CA SER A 474 0.43 12.75 25.26
C SER A 474 0.88 11.37 24.77
N ALA A 475 2.18 11.14 24.75
CA ALA A 475 2.72 9.84 24.36
C ALA A 475 2.22 8.71 25.26
N ALA A 476 2.08 8.99 26.57
CA ALA A 476 1.52 8.02 27.52
C ALA A 476 0.09 7.65 27.19
N ARG A 477 -0.72 8.63 26.84
CA ARG A 477 -2.12 8.37 26.49
C ARG A 477 -2.17 7.55 25.18
N GLY A 478 -1.25 7.88 24.26
CA GLY A 478 -1.06 7.11 23.00
C GLY A 478 -0.79 5.66 23.32
N CYS A 479 0.16 5.42 24.22
CA CYS A 479 0.50 4.06 24.63
C CYS A 479 -0.67 3.34 25.29
N ASP A 480 -1.40 4.05 26.15
CA ASP A 480 -2.62 3.51 26.75
C ASP A 480 -3.60 3.05 25.67
N ALA A 481 -3.80 3.87 24.64
CA ALA A 481 -4.67 3.48 23.54
C ALA A 481 -4.20 2.20 22.84
N LEU A 482 -2.89 2.10 22.62
CA LEU A 482 -2.33 0.94 21.96
C LEU A 482 -2.50 -0.34 22.78
N LEU A 483 -2.35 -0.21 24.10
CA LEU A 483 -2.52 -1.32 25.01
C LEU A 483 -3.99 -1.72 25.15
N ALA A 484 -4.90 -0.77 24.99
CA ALA A 484 -6.32 -1.03 25.20
C ALA A 484 -6.93 -1.86 24.08
N HIS A 485 -6.36 -1.79 22.88
CA HIS A 485 -6.93 -2.46 21.74
C HIS A 485 -5.88 -2.70 20.68
N ASP A 486 -5.76 -3.95 20.27
CA ASP A 486 -4.88 -4.32 19.17
C ASP A 486 -5.48 -5.49 18.46
N ASP A 487 -5.90 -5.25 17.23
CA ASP A 487 -6.56 -6.31 16.46
C ASP A 487 -5.97 -6.30 15.05
N PRO A 488 -4.81 -6.96 14.87
CA PRO A 488 -4.13 -6.93 13.56
C PRO A 488 -4.98 -7.38 12.40
N ALA A 489 -5.94 -8.27 12.68
CA ALA A 489 -6.87 -8.78 11.67
C ALA A 489 -7.76 -7.68 11.09
N SER A 490 -7.91 -6.56 11.78
CA SER A 490 -8.75 -5.47 11.31
CA SER A 490 -8.76 -5.46 11.31
C SER A 490 -8.00 -4.14 11.13
N TYR A 491 -6.67 -4.18 11.14
CA TYR A 491 -5.92 -2.93 10.89
C TYR A 491 -6.40 -2.35 9.55
N PRO A 492 -6.86 -1.10 9.54
CA PRO A 492 -7.35 -0.55 8.25
C PRO A 492 -6.23 -0.33 7.24
N GLY A 493 -6.51 -0.52 5.96
CA GLY A 493 -5.57 -0.22 4.91
C GLY A 493 -5.47 1.28 4.69
N LEU A 494 -4.24 1.80 4.73
CA LEU A 494 -3.99 3.22 4.54
C LEU A 494 -2.90 3.51 3.47
N TRP A 495 -2.18 2.48 3.06
CA TRP A 495 -1.14 2.62 2.05
C TRP A 495 -1.71 2.62 0.66
N HIS A 496 -1.31 3.58 -0.17
CA HIS A 496 -1.86 3.66 -1.53
C HIS A 496 -1.43 2.51 -2.44
N ASP A 497 -2.40 1.81 -3.02
CA ASP A 497 -2.10 1.00 -4.21
C ASP A 497 -3.30 1.10 -5.17
N LYS A 498 -3.97 0.00 -5.48
CA LYS A 498 -5.15 0.09 -6.30
C LYS A 498 -6.24 0.78 -5.51
N ASP A 499 -6.55 0.21 -4.34
CA ASP A 499 -7.34 0.91 -3.31
C ASP A 499 -6.30 1.27 -2.25
N ILE A 500 -6.55 0.97 -0.99
CA ILE A 500 -5.56 1.21 0.09
C ILE A 500 -5.40 -0.09 0.88
N TYR A 501 -4.15 -0.43 1.21
CA TYR A 501 -3.79 -1.70 1.79
C TYR A 501 -3.11 -1.58 3.12
N ALA A 502 -3.19 -2.67 3.88
CA ALA A 502 -2.60 -2.76 5.23
C ALA A 502 -1.46 -3.76 5.26
N PRO A 503 -0.24 -3.26 5.38
CA PRO A 503 0.91 -4.14 5.62
C PRO A 503 1.00 -4.45 7.12
N VAL A 504 0.37 -5.55 7.49
CA VAL A 504 0.03 -5.83 8.89
C VAL A 504 1.29 -5.98 9.76
N THR A 505 2.31 -6.63 9.24
CA THR A 505 3.51 -6.89 10.04
C THR A 505 4.28 -5.58 10.23
N VAL A 506 4.27 -4.77 9.16
CA VAL A 506 4.81 -3.41 9.25
C VAL A 506 4.15 -2.61 10.37
N ILE A 507 2.83 -2.69 10.45
CA ILE A 507 2.11 -1.96 11.49
C ILE A 507 2.45 -2.52 12.89
N ARG A 508 2.50 -3.84 13.01
CA ARG A 508 2.84 -4.49 14.28
CA ARG A 508 2.85 -4.48 14.28
C ARG A 508 4.22 -4.02 14.75
N ALA A 509 5.15 -3.85 13.80
CA ALA A 509 6.50 -3.41 14.17
C ALA A 509 6.50 -1.96 14.64
N ALA A 510 5.68 -1.13 14.01
CA ALA A 510 5.52 0.23 14.43
C ALA A 510 4.92 0.35 15.83
N ARG A 511 3.96 -0.51 16.11
CA ARG A 511 3.32 -0.55 17.42
C ARG A 511 4.36 -0.94 18.49
N LEU A 512 5.13 -1.97 18.18
CA LEU A 512 6.15 -2.45 19.14
C LEU A 512 7.15 -1.34 19.47
N ALA A 513 7.65 -0.65 18.44
CA ALA A 513 8.55 0.48 18.61
C ALA A 513 7.96 1.58 19.50
N ALA A 514 6.72 1.98 19.23
CA ALA A 514 6.00 2.95 20.04
C ALA A 514 5.92 2.56 21.51
N LEU A 515 5.51 1.33 21.77
CA LEU A 515 5.34 0.86 23.13
C LEU A 515 6.68 0.74 23.86
N ALA A 516 7.74 0.38 23.15
CA ALA A 516 9.08 0.32 23.74
C ALA A 516 9.57 1.71 24.10
N LEU A 517 9.40 2.65 23.18
CA LEU A 517 9.83 4.03 23.39
C LEU A 517 9.00 4.74 24.46
N GLY A 518 7.71 4.42 24.52
CA GLY A 518 6.81 4.97 25.52
C GLY A 518 7.03 4.42 26.93
N GLY A 519 7.76 3.32 27.04
CA GLY A 519 8.01 2.69 28.34
C GLY A 519 6.71 2.12 28.90
N ALA A 520 5.96 1.44 28.04
CA ALA A 520 4.62 0.94 28.39
C ALA A 520 4.66 -0.46 29.01
#